data_5Y10
#
_entry.id   5Y10
#
_cell.length_a   87.410
_cell.length_b   87.410
_cell.length_c   91.003
_cell.angle_alpha   90.00
_cell.angle_beta   90.00
_cell.angle_gamma   90.00
#
_symmetry.space_group_name_H-M   'I 4'
#
loop_
_entity.id
_entity.type
_entity.pdbx_description
1 polymer 'Membrane glycoprotein polyprotein'
2 branched alpha-D-mannopyranose-(1-4)-2-acetamido-2-deoxy-beta-D-glucopyranose-(1-4)-2-acetamido-2-deoxy-beta-D-glucopyranose
#
_entity_poly.entity_id   1
_entity_poly.type   'polypeptide(L)'
_entity_poly.pdbx_seq_one_letter_code
;DSGPIICAGPIHSNKSADIPHLLGYSEKICQIDRLIHVSSWLRNHSQFQGYVGQRGGRSQVSYYPAENSYSRWSGLLSPC
DADWLGMLVVKKAKGSDMIVPGPSYKGKVFFERPTFDGYVGWGCGSGKSRTESGELCSSDSGTSSGLLPSDRVLWIGDVA
CQPMTPIPEETFLELKSFSQSEFPDICKIDGIVFNQCEGESLPQPFDVAWMDVGHSHKIIMREHKTKWVQESSSKDFVCY
KEGTGPCSESEEKTCKTSGSCRGDMQFCKVAGCEHGEEASEAKCRCSLVHKPGEVVVSYGGMRVRPKCYGFSRMMATLEV
N
;
_entity_poly.pdbx_strand_id   C
#
loop_
_chem_comp.id
_chem_comp.type
_chem_comp.name
_chem_comp.formula
MAN D-saccharide, alpha linking alpha-D-mannopyranose 'C6 H12 O6'
NAG D-saccharide, beta linking 2-acetamido-2-deoxy-beta-D-glucopyranose 'C8 H15 N O6'
#
# COMPACT_ATOMS: atom_id res chain seq x y z
N PRO A 4 -13.45 -0.33 -4.81
CA PRO A 4 -13.26 -1.78 -4.62
C PRO A 4 -12.86 -2.46 -5.91
N ILE A 5 -11.66 -3.04 -5.94
CA ILE A 5 -11.13 -3.60 -7.18
C ILE A 5 -11.95 -4.81 -7.62
N ILE A 6 -12.25 -5.70 -6.67
CA ILE A 6 -12.97 -6.93 -6.97
C ILE A 6 -14.16 -7.11 -6.04
N CYS A 7 -13.87 -7.21 -4.75
CA CYS A 7 -14.81 -7.73 -3.76
C CYS A 7 -15.40 -6.62 -2.90
N ALA A 8 -16.71 -6.71 -2.69
CA ALA A 8 -17.44 -5.78 -1.85
C ALA A 8 -16.90 -5.80 -0.43
N GLY A 9 -17.28 -4.78 0.33
CA GLY A 9 -16.89 -4.66 1.71
C GLY A 9 -17.19 -5.95 2.46
N PRO A 10 -16.18 -6.46 3.14
CA PRO A 10 -16.34 -7.73 3.88
C PRO A 10 -17.35 -7.57 5.01
N ILE A 11 -18.10 -8.63 5.28
CA ILE A 11 -19.02 -8.69 6.43
C ILE A 11 -18.74 -9.99 7.16
N HIS A 12 -17.76 -9.97 8.08
CA HIS A 12 -17.38 -11.15 8.87
C HIS A 12 -18.41 -11.46 9.95
N SER A 13 -18.59 -12.76 10.26
CA SER A 13 -19.51 -13.19 11.31
C SER A 13 -18.79 -13.51 12.60
N ASN A 14 -17.48 -13.66 12.52
CA ASN A 14 -16.65 -14.27 13.53
C ASN A 14 -15.39 -13.43 13.63
N LYS A 15 -14.86 -13.35 14.84
CA LYS A 15 -13.47 -12.92 14.97
C LYS A 15 -12.53 -14.10 14.86
N SER A 16 -13.05 -15.33 15.02
CA SER A 16 -12.19 -16.50 15.12
C SER A 16 -11.69 -16.96 13.76
N ALA A 17 -12.36 -16.52 12.69
CA ALA A 17 -12.05 -17.00 11.35
C ALA A 17 -10.57 -16.83 11.03
N ASP A 18 -9.98 -17.85 10.42
CA ASP A 18 -8.58 -17.77 9.98
C ASP A 18 -8.47 -16.98 8.68
N ILE A 19 -7.29 -16.42 8.43
CA ILE A 19 -7.02 -15.70 7.20
C ILE A 19 -6.21 -16.61 6.30
N PRO A 20 -6.81 -17.25 5.32
CA PRO A 20 -6.03 -18.13 4.43
C PRO A 20 -5.04 -17.27 3.67
N HIS A 21 -3.91 -17.87 3.31
CA HIS A 21 -3.08 -17.24 2.30
C HIS A 21 -3.48 -17.81 0.95
N LEU A 22 -3.76 -16.93 -0.01
CA LEU A 22 -4.20 -17.31 -1.33
C LEU A 22 -3.10 -17.01 -2.34
N LEU A 23 -2.88 -17.95 -3.28
CA LEU A 23 -1.84 -17.75 -4.27
C LEU A 23 -2.26 -16.82 -5.40
N GLY A 24 -3.55 -16.81 -5.77
CA GLY A 24 -3.97 -16.07 -6.96
C GLY A 24 -3.82 -14.56 -6.80
N TYR A 25 -3.36 -13.91 -7.88
CA TYR A 25 -3.21 -12.46 -7.87
C TYR A 25 -4.53 -11.81 -7.51
N SER A 26 -5.61 -12.24 -8.16
CA SER A 26 -6.90 -11.63 -7.87
C SER A 26 -7.34 -11.93 -6.45
N GLU A 27 -7.11 -13.17 -6.00
CA GLU A 27 -7.38 -13.57 -4.62
C GLU A 27 -6.72 -12.62 -3.62
N LYS A 28 -5.44 -12.31 -3.82
CA LYS A 28 -4.78 -11.38 -2.92
C LYS A 28 -5.32 -9.98 -3.09
N ILE A 29 -5.71 -9.60 -4.31
CA ILE A 29 -6.36 -8.32 -4.52
C ILE A 29 -7.68 -8.29 -3.75
N CYS A 30 -8.41 -9.41 -3.76
CA CYS A 30 -9.66 -9.46 -3.02
C CYS A 30 -9.43 -9.26 -1.53
N GLN A 31 -8.42 -9.95 -0.96
CA GLN A 31 -8.13 -9.79 0.47
C GLN A 31 -7.71 -8.37 0.77
N ILE A 32 -6.91 -7.81 -0.13
CA ILE A 32 -6.54 -6.41 -0.07
C ILE A 32 -7.79 -5.56 -0.10
N ASP A 33 -8.73 -5.89 -0.96
CA ASP A 33 -10.00 -5.15 -1.00
C ASP A 33 -10.70 -5.22 0.36
N ARG A 34 -10.75 -6.41 0.98
CA ARG A 34 -11.45 -6.58 2.23
C ARG A 34 -10.54 -6.33 3.46
N LEU A 35 -9.41 -5.66 3.25
CA LEU A 35 -8.48 -5.33 4.31
C LEU A 35 -8.07 -6.53 5.12
N ILE A 36 -8.26 -7.70 4.52
CA ILE A 36 -7.83 -8.93 5.12
C ILE A 36 -6.34 -8.90 5.41
N HIS A 37 -5.58 -8.12 4.64
CA HIS A 37 -4.13 -8.11 4.85
C HIS A 37 -3.74 -7.31 6.09
N VAL A 38 -4.40 -6.17 6.32
CA VAL A 38 -4.21 -5.46 7.58
C VAL A 38 -4.62 -6.37 8.75
N SER A 39 -5.77 -7.03 8.64
CA SER A 39 -6.22 -7.92 9.70
C SER A 39 -5.18 -8.97 10.02
N SER A 40 -4.48 -9.45 8.99
CA SER A 40 -3.44 -10.43 9.20
C SER A 40 -2.19 -9.76 9.73
N TRP A 41 -1.88 -8.56 9.29
CA TRP A 41 -0.82 -7.79 9.92
C TRP A 41 -1.08 -7.62 11.41
N LEU A 42 -2.33 -7.37 11.78
CA LEU A 42 -2.66 -7.14 13.19
C LEU A 42 -2.55 -8.41 14.00
N ARG A 43 -3.06 -9.51 13.45
CA ARG A 43 -2.99 -10.80 14.14
C ARG A 43 -1.57 -11.26 14.51
N ASN A 44 -0.64 -11.34 13.58
CA ASN A 44 0.69 -11.87 13.93
C ASN A 44 1.45 -10.88 14.85
N HIS A 45 1.23 -9.56 14.67
CA HIS A 45 2.10 -8.64 15.41
C HIS A 45 1.49 -8.09 16.70
N SER A 46 0.20 -7.74 16.72
CA SER A 46 -0.45 -7.17 17.90
C SER A 46 -1.30 -8.18 18.67
N GLN A 47 -1.21 -9.45 18.32
CA GLN A 47 -2.06 -10.50 18.89
C GLN A 47 -3.51 -10.03 18.89
N PHE A 48 -3.88 -9.32 17.84
CA PHE A 48 -5.22 -8.80 17.63
C PHE A 48 -6.17 -9.95 17.30
N GLN A 49 -7.44 -9.80 17.70
CA GLN A 49 -8.47 -10.82 17.48
C GLN A 49 -9.45 -10.33 16.42
N GLY A 50 -9.41 -10.95 15.25
CA GLY A 50 -10.46 -10.74 14.28
C GLY A 50 -10.03 -9.99 13.05
N TYR A 51 -10.82 -8.99 12.64
CA TYR A 51 -10.63 -8.33 11.36
C TYR A 51 -10.73 -6.83 11.50
N VAL A 52 -10.16 -6.16 10.50
CA VAL A 52 -10.41 -4.75 10.24
C VAL A 52 -11.11 -4.66 8.89
N GLY A 53 -11.72 -3.51 8.66
CA GLY A 53 -12.40 -3.25 7.40
C GLY A 53 -13.80 -3.79 7.30
N GLN A 54 -14.48 -3.99 8.42
CA GLN A 54 -15.81 -4.55 8.38
C GLN A 54 -16.74 -3.63 7.61
N ARG A 55 -17.44 -4.23 6.63
CA ARG A 55 -18.51 -3.62 5.83
C ARG A 55 -17.98 -2.60 4.82
N GLY A 56 -16.85 -1.98 5.14
CA GLY A 56 -16.32 -0.92 4.31
C GLY A 56 -15.19 -1.37 3.40
N GLY A 57 -14.31 -2.22 3.94
CA GLY A 57 -13.22 -2.65 3.09
C GLY A 57 -12.18 -1.56 2.87
N ARG A 58 -11.35 -1.80 1.86
CA ARG A 58 -10.16 -0.96 1.67
C ARG A 58 -10.53 0.43 1.20
N SER A 59 -11.63 0.56 0.47
CA SER A 59 -12.03 1.87 -0.03
C SER A 59 -12.35 2.85 1.11
N GLN A 60 -12.92 2.35 2.22
CA GLN A 60 -13.33 3.21 3.33
C GLN A 60 -12.23 3.37 4.38
N VAL A 61 -11.02 2.90 4.07
CA VAL A 61 -9.88 3.20 4.91
C VAL A 61 -9.72 4.73 5.00
N SER A 62 -9.12 5.17 6.09
CA SER A 62 -8.84 6.57 6.29
C SER A 62 -7.38 6.83 6.02
N TYR A 63 -7.11 7.97 5.37
CA TYR A 63 -5.79 8.38 4.97
C TYR A 63 -5.46 9.68 5.67
N TYR A 64 -4.17 9.88 5.96
CA TYR A 64 -3.69 11.21 6.27
C TYR A 64 -2.82 11.65 5.10
N PRO A 65 -3.14 12.75 4.40
CA PRO A 65 -4.34 13.52 4.70
C PRO A 65 -5.56 12.84 4.13
N ALA A 66 -6.74 13.35 4.45
CA ALA A 66 -7.96 12.74 3.92
C ALA A 66 -8.08 13.02 2.43
N GLU A 67 -7.77 14.25 2.01
CA GLU A 67 -7.75 14.61 0.59
C GLU A 67 -6.56 13.91 -0.06
N ASN A 68 -6.84 12.78 -0.72
CA ASN A 68 -5.84 11.80 -1.12
C ASN A 68 -6.07 11.44 -2.58
N SER A 69 -5.09 11.74 -3.44
CA SER A 69 -5.21 11.46 -4.87
C SER A 69 -5.44 9.98 -5.12
N TYR A 70 -4.44 9.16 -4.80
CA TYR A 70 -4.36 7.79 -5.27
C TYR A 70 -5.45 6.92 -4.69
N SER A 71 -6.06 7.39 -3.61
CA SER A 71 -7.19 6.69 -3.02
C SER A 71 -8.32 6.54 -4.02
N ARG A 72 -8.57 7.59 -4.81
CA ARG A 72 -9.63 7.61 -5.82
C ARG A 72 -9.37 6.58 -6.93
N TRP A 73 -8.20 5.95 -6.94
CA TRP A 73 -7.84 4.89 -7.88
C TRP A 73 -7.70 3.60 -7.09
N SER A 74 -8.67 2.69 -7.25
CA SER A 74 -8.74 1.52 -6.38
C SER A 74 -7.56 0.57 -6.59
N GLY A 75 -7.06 0.46 -7.81
CA GLY A 75 -5.93 -0.40 -8.06
C GLY A 75 -4.57 0.24 -7.88
N LEU A 76 -4.48 1.50 -7.45
CA LEU A 76 -3.19 2.02 -7.00
C LEU A 76 -2.86 1.42 -5.65
N LEU A 77 -1.76 0.68 -5.56
CA LEU A 77 -1.44 -0.08 -4.36
C LEU A 77 -0.87 0.80 -3.24
N SER A 78 -1.42 0.65 -2.06
CA SER A 78 -0.82 1.24 -0.87
C SER A 78 0.35 0.37 -0.40
N PRO A 79 1.21 0.92 0.45
CA PRO A 79 2.26 0.11 1.09
C PRO A 79 1.77 -1.26 1.56
N CYS A 80 0.60 -1.28 2.23
CA CYS A 80 0.09 -2.53 2.81
C CYS A 80 -0.33 -3.51 1.74
N ASP A 81 -1.04 -3.05 0.71
CA ASP A 81 -1.38 -3.95 -0.39
C ASP A 81 -0.11 -4.51 -1.00
N ALA A 82 0.85 -3.62 -1.25
CA ALA A 82 2.15 -4.02 -1.74
C ALA A 82 2.75 -5.09 -0.83
N ASP A 83 2.67 -4.88 0.50
CA ASP A 83 3.14 -5.88 1.46
C ASP A 83 2.44 -7.22 1.25
N TRP A 84 1.11 -7.20 1.22
CA TRP A 84 0.37 -8.41 0.91
C TRP A 84 0.80 -9.01 -0.43
N LEU A 85 1.15 -8.16 -1.40
CA LEU A 85 1.58 -8.71 -2.67
C LEU A 85 3.03 -9.06 -2.66
N GLY A 86 3.67 -8.94 -1.49
CA GLY A 86 5.05 -9.32 -1.34
C GLY A 86 6.06 -8.36 -1.92
N MET A 87 5.63 -7.19 -2.39
CA MET A 87 6.58 -6.29 -3.02
C MET A 87 7.52 -5.68 -2.01
N LEU A 88 7.04 -5.39 -0.81
CA LEU A 88 7.82 -4.83 0.27
C LEU A 88 7.24 -5.37 1.57
N VAL A 89 7.70 -4.87 2.71
CA VAL A 89 7.17 -5.37 3.96
C VAL A 89 6.97 -4.19 4.90
N VAL A 90 5.77 -4.08 5.46
CA VAL A 90 5.48 -3.09 6.47
C VAL A 90 5.89 -3.71 7.80
N LYS A 91 6.99 -3.22 8.34
CA LYS A 91 7.59 -3.83 9.49
C LYS A 91 6.82 -3.46 10.75
N LYS A 92 6.80 -4.38 11.70
CA LYS A 92 6.21 -4.11 13.01
C LYS A 92 6.82 -2.84 13.59
N ALA A 93 5.98 -2.07 14.28
CA ALA A 93 6.45 -0.91 15.00
C ALA A 93 7.50 -1.33 16.01
N LYS A 94 8.69 -0.77 15.92
CA LYS A 94 9.62 -0.85 17.04
C LYS A 94 9.66 0.48 17.79
N GLY A 95 10.14 0.40 19.04
CA GLY A 95 10.18 1.59 19.89
C GLY A 95 10.83 2.79 19.23
N SER A 96 11.86 2.55 18.41
CA SER A 96 12.65 3.60 17.78
C SER A 96 12.03 4.15 16.49
N ASP A 97 10.97 3.57 15.94
CA ASP A 97 10.32 4.16 14.77
C ASP A 97 9.33 5.23 15.20
N MET A 98 9.38 6.38 14.54
CA MET A 98 8.80 7.62 15.04
C MET A 98 7.36 7.80 14.51
N ILE A 99 6.41 7.99 15.43
CA ILE A 99 5.01 8.23 15.06
C ILE A 99 4.84 9.69 14.66
N VAL A 100 4.47 9.92 13.41
CA VAL A 100 4.28 11.29 12.93
C VAL A 100 3.09 11.93 13.63
N PRO A 101 3.14 13.22 13.96
CA PRO A 101 1.92 13.94 14.35
C PRO A 101 1.14 14.35 13.11
N GLY A 102 -0.11 14.72 13.34
CA GLY A 102 -0.96 15.13 12.24
C GLY A 102 -2.26 14.36 12.17
N PRO A 103 -2.19 13.06 11.95
CA PRO A 103 -3.42 12.29 11.74
C PRO A 103 -4.24 12.13 13.01
N SER A 104 -5.48 11.68 12.82
CA SER A 104 -6.37 11.39 13.93
C SER A 104 -6.19 9.92 14.26
N TYR A 105 -5.22 9.64 15.17
CA TYR A 105 -4.92 8.25 15.49
C TYR A 105 -5.89 7.64 16.49
N LYS A 106 -6.61 8.45 17.27
CA LYS A 106 -7.43 7.84 18.29
C LYS A 106 -8.56 7.08 17.64
N GLY A 107 -8.82 5.88 18.14
CA GLY A 107 -9.70 4.96 17.52
C GLY A 107 -8.96 4.00 16.62
N LYS A 108 -7.93 4.47 15.95
CA LYS A 108 -7.23 3.65 14.98
C LYS A 108 -6.63 2.44 15.68
N VAL A 109 -6.78 1.29 15.05
CA VAL A 109 -6.25 0.05 15.56
C VAL A 109 -5.01 -0.24 14.73
N PHE A 110 -5.02 0.24 13.50
CA PHE A 110 -3.86 0.10 12.64
C PHE A 110 -3.62 1.39 11.89
N PHE A 111 -2.37 1.84 11.89
CA PHE A 111 -1.93 2.87 10.99
C PHE A 111 -0.53 2.52 10.52
N GLU A 112 -0.22 2.92 9.29
CA GLU A 112 0.98 2.49 8.58
C GLU A 112 1.71 3.71 8.04
N ARG A 113 3.04 3.71 8.12
CA ARG A 113 3.68 4.89 7.57
C ARG A 113 4.93 4.53 6.79
N PRO A 114 5.13 5.08 5.58
CA PRO A 114 6.44 4.94 4.92
C PRO A 114 7.49 5.70 5.70
N THR A 115 8.47 4.95 6.16
CA THR A 115 9.65 5.55 6.73
C THR A 115 10.65 5.76 5.61
N PHE A 116 11.78 6.36 5.95
CA PHE A 116 12.81 6.57 4.94
C PHE A 116 13.33 5.25 4.41
N ASP A 117 13.43 4.24 5.28
CA ASP A 117 14.10 2.99 5.03
C ASP A 117 13.14 1.87 4.65
N GLY A 118 11.85 2.17 4.61
CA GLY A 118 10.85 1.11 4.56
C GLY A 118 9.49 1.59 5.04
N TYR A 119 8.78 0.71 5.71
CA TYR A 119 7.37 0.93 5.99
C TYR A 119 7.04 0.25 7.31
N VAL A 120 6.53 1.02 8.26
CA VAL A 120 6.28 0.54 9.61
C VAL A 120 4.79 0.60 9.86
N GLY A 121 4.27 -0.43 10.52
CA GLY A 121 2.91 -0.44 10.98
C GLY A 121 2.88 -0.36 12.49
N TRP A 122 1.81 0.24 13.03
CA TRP A 122 1.53 0.25 14.46
C TRP A 122 0.15 -0.37 14.65
N GLY A 123 0.11 -1.59 15.18
CA GLY A 123 -1.15 -2.26 15.44
C GLY A 123 -1.48 -2.35 16.92
N CYS A 124 -2.75 -2.63 17.19
CA CYS A 124 -3.27 -2.75 18.55
C CYS A 124 -3.76 -4.15 18.84
N GLY A 125 -3.67 -4.52 20.10
CA GLY A 125 -4.26 -5.76 20.55
C GLY A 125 -5.77 -5.69 20.56
N SER A 126 -6.36 -6.86 20.72
CA SER A 126 -7.81 -6.99 20.72
C SER A 126 -8.43 -6.12 21.80
N GLY A 127 -9.59 -5.53 21.48
CA GLY A 127 -10.24 -4.66 22.44
C GLY A 127 -9.43 -3.43 22.80
N LYS A 128 -8.45 -3.07 21.98
CA LYS A 128 -7.64 -1.87 22.17
C LYS A 128 -7.68 -0.99 20.92
N SER A 129 -7.29 0.26 21.11
CA SER A 129 -7.23 1.25 20.04
C SER A 129 -6.26 2.33 20.47
N ARG A 130 -5.67 3.01 19.48
CA ARG A 130 -4.69 4.06 19.77
C ARG A 130 -5.36 5.28 20.38
N THR A 131 -4.67 5.92 21.33
CA THR A 131 -5.04 7.24 21.82
C THR A 131 -4.88 8.28 20.73
N GLU A 132 -5.28 9.52 21.00
CA GLU A 132 -5.24 10.56 19.96
C GLU A 132 -3.80 10.77 19.46
N SER A 133 -2.81 10.51 20.31
CA SER A 133 -1.41 10.69 19.95
C SER A 133 -0.88 9.56 19.09
N GLY A 134 -1.44 8.35 19.23
CA GLY A 134 -0.95 7.19 18.51
C GLY A 134 0.14 6.41 19.23
N GLU A 135 0.69 6.97 20.31
CA GLU A 135 1.77 6.31 21.03
C GLU A 135 1.30 5.17 21.94
N LEU A 136 -0.01 4.98 22.13
CA LEU A 136 -0.50 3.93 23.01
C LEU A 136 -1.77 3.32 22.45
N CYS A 137 -1.94 2.00 22.65
CA CYS A 137 -3.23 1.32 22.53
C CYS A 137 -3.98 1.38 23.86
N SER A 138 -4.96 2.27 23.96
CA SER A 138 -5.83 2.26 25.14
C SER A 138 -7.05 1.38 24.87
N SER A 139 -7.63 0.86 25.95
CA SER A 139 -8.77 -0.04 25.85
C SER A 139 -9.96 0.67 25.22
N ASP A 140 -10.73 -0.08 24.44
CA ASP A 140 -11.84 0.47 23.65
C ASP A 140 -12.98 -0.54 23.62
N SER A 141 -14.10 -0.17 24.23
CA SER A 141 -15.26 -1.05 24.16
C SER A 141 -15.78 -1.15 22.73
N GLY A 142 -15.52 -0.14 21.89
CA GLY A 142 -15.99 -0.17 20.51
C GLY A 142 -15.28 -1.20 19.67
N THR A 143 -14.13 -1.69 20.12
CA THR A 143 -13.33 -2.65 19.38
C THR A 143 -13.44 -4.06 19.96
N SER A 144 -14.32 -4.27 20.92
CA SER A 144 -14.41 -5.56 21.59
C SER A 144 -14.92 -6.65 20.64
N SER A 145 -15.91 -6.31 19.80
CA SER A 145 -16.44 -7.27 18.84
C SER A 145 -15.34 -7.94 18.04
N GLY A 146 -14.22 -7.24 17.83
CA GLY A 146 -13.12 -7.78 17.06
C GLY A 146 -13.30 -7.73 15.56
N LEU A 147 -14.40 -7.16 15.08
CA LEU A 147 -14.73 -7.07 13.66
C LEU A 147 -14.95 -5.60 13.36
N LEU A 148 -13.88 -4.89 12.96
CA LEU A 148 -13.95 -3.45 13.14
C LEU A 148 -14.05 -2.70 11.81
N PRO A 149 -14.57 -1.48 11.82
CA PRO A 149 -14.71 -0.73 10.56
C PRO A 149 -13.38 -0.26 10.00
N SER A 150 -13.43 0.07 8.71
CA SER A 150 -12.24 0.50 7.96
C SER A 150 -11.66 1.81 8.47
N ASP A 151 -12.48 2.70 9.00
CA ASP A 151 -11.89 3.96 9.45
C ASP A 151 -11.01 3.78 10.68
N ARG A 152 -10.94 2.57 11.24
CA ARG A 152 -9.98 2.26 12.28
C ARG A 152 -8.61 1.92 11.69
N VAL A 153 -8.49 1.88 10.37
CA VAL A 153 -7.23 1.66 9.68
C VAL A 153 -6.84 2.99 9.05
N LEU A 154 -5.58 3.39 9.22
CA LEU A 154 -5.13 4.69 8.73
C LEU A 154 -3.84 4.54 7.93
N TRP A 155 -3.86 4.94 6.67
CA TRP A 155 -2.70 4.86 5.80
C TRP A 155 -2.19 6.27 5.61
N ILE A 156 -1.02 6.54 6.05
CA ILE A 156 -0.64 7.93 5.90
C ILE A 156 0.02 8.03 4.54
N GLY A 157 -0.11 9.19 3.93
CA GLY A 157 0.63 9.40 2.71
C GLY A 157 -0.22 9.10 1.50
N ASP A 158 0.01 9.88 0.45
CA ASP A 158 -0.56 9.65 -0.86
C ASP A 158 0.46 8.77 -1.57
N VAL A 159 0.30 7.47 -1.46
CA VAL A 159 1.32 6.53 -1.89
C VAL A 159 0.76 5.66 -3.00
N ALA A 160 1.58 5.43 -4.01
CA ALA A 160 1.30 4.48 -5.06
C ALA A 160 2.47 3.53 -5.11
N CYS A 161 2.17 2.25 -5.09
CA CYS A 161 3.14 1.20 -5.09
C CYS A 161 2.87 0.36 -6.32
N GLN A 162 3.91 -0.23 -6.86
CA GLN A 162 3.77 -0.76 -8.20
C GLN A 162 5.03 -1.55 -8.52
N PRO A 163 4.93 -2.54 -9.38
CA PRO A 163 6.13 -3.27 -9.81
C PRO A 163 7.17 -2.34 -10.40
N MET A 164 8.39 -2.45 -9.90
CA MET A 164 9.46 -1.54 -10.26
C MET A 164 10.12 -1.95 -11.57
N THR A 165 10.94 -1.06 -12.09
CA THR A 165 12.00 -1.49 -12.98
C THR A 165 13.32 -1.31 -12.23
N PRO A 166 14.02 -2.39 -11.88
CA PRO A 166 15.25 -2.26 -11.09
C PRO A 166 16.25 -1.32 -11.73
N ILE A 167 17.00 -0.64 -10.88
CA ILE A 167 18.00 0.28 -11.36
C ILE A 167 19.34 -0.17 -10.79
N PRO A 168 20.42 -0.09 -11.55
CA PRO A 168 21.73 -0.38 -10.99
C PRO A 168 22.02 0.49 -9.78
N GLU A 169 22.87 -0.03 -8.88
CA GLU A 169 23.15 0.70 -7.66
C GLU A 169 23.85 2.01 -7.96
N GLU A 170 24.68 2.03 -8.99
CA GLU A 170 25.29 3.28 -9.39
C GLU A 170 24.23 4.33 -9.71
N THR A 171 23.15 3.94 -10.40
CA THR A 171 22.06 4.87 -10.66
C THR A 171 21.45 5.37 -9.35
N PHE A 172 21.17 4.44 -8.43
CA PHE A 172 20.57 4.80 -7.15
C PHE A 172 21.50 5.69 -6.33
N LEU A 173 22.81 5.45 -6.43
CA LEU A 173 23.74 6.33 -5.75
C LEU A 173 23.78 7.71 -6.37
N GLU A 174 23.50 7.81 -7.68
CA GLU A 174 23.36 9.11 -8.30
C GLU A 174 22.14 9.82 -7.74
N LEU A 175 21.02 9.11 -7.72
CA LEU A 175 19.79 9.64 -7.14
C LEU A 175 19.97 9.95 -5.66
N LYS A 176 20.64 9.05 -4.93
CA LYS A 176 20.86 9.27 -3.51
C LYS A 176 21.47 10.63 -3.26
N SER A 177 22.64 10.89 -3.88
CA SER A 177 23.33 12.16 -3.71
C SER A 177 22.60 13.33 -4.39
N PHE A 178 21.86 13.08 -5.46
CA PHE A 178 21.07 14.18 -6.03
C PHE A 178 20.06 14.69 -5.02
N SER A 179 19.40 13.79 -4.29
CA SER A 179 18.49 14.21 -3.24
C SER A 179 19.21 15.03 -2.18
N GLN A 180 20.41 14.59 -1.76
CA GLN A 180 21.15 15.29 -0.73
C GLN A 180 21.57 16.69 -1.18
N SER A 181 21.88 16.84 -2.48
CA SER A 181 22.12 18.18 -3.03
C SER A 181 20.83 18.95 -3.22
N GLU A 182 19.68 18.28 -3.20
CA GLU A 182 18.41 18.97 -3.17
C GLU A 182 17.94 19.24 -1.75
N PHE A 183 18.33 18.40 -0.79
CA PHE A 183 17.87 18.53 0.60
C PHE A 183 19.07 18.63 1.55
N PRO A 184 19.94 19.63 1.38
CA PRO A 184 21.11 19.72 2.25
C PRO A 184 20.74 20.01 3.68
N ASP A 185 19.54 20.57 3.87
CA ASP A 185 19.03 20.97 5.17
C ASP A 185 18.89 19.78 6.13
N ILE A 186 18.50 18.62 5.60
CA ILE A 186 18.16 17.47 6.44
C ILE A 186 19.41 16.70 6.82
N CYS A 187 19.42 16.16 8.04
CA CYS A 187 20.53 15.35 8.53
C CYS A 187 20.17 13.90 8.77
N LYS A 188 18.99 13.61 9.30
CA LYS A 188 18.61 12.22 9.51
C LYS A 188 17.10 12.09 9.41
N ILE A 189 16.66 11.05 8.72
CA ILE A 189 15.26 10.83 8.42
C ILE A 189 14.89 9.45 8.92
N ASP A 190 13.87 9.39 9.78
CA ASP A 190 13.40 8.13 10.39
C ASP A 190 14.53 7.34 11.05
N GLY A 191 15.42 8.05 11.72
CA GLY A 191 16.57 7.41 12.33
C GLY A 191 17.59 6.93 11.33
N ILE A 192 17.50 7.35 10.08
CA ILE A 192 18.39 6.90 9.03
C ILE A 192 19.18 8.11 8.55
N VAL A 193 20.51 7.99 8.60
CA VAL A 193 21.40 9.12 8.33
C VAL A 193 21.26 9.52 6.86
N PHE A 194 20.90 10.78 6.62
CA PHE A 194 20.71 11.35 5.29
C PHE A 194 21.91 12.17 4.85
N ASN A 195 22.42 13.03 5.73
CA ASN A 195 23.61 13.83 5.48
C ASN A 195 24.59 13.72 6.65
N GLN A 196 25.61 14.58 6.65
CA GLN A 196 26.59 14.69 7.72
C GLN A 196 26.44 16.08 8.32
N CYS A 197 26.20 16.16 9.64
CA CYS A 197 26.01 17.45 10.31
C CYS A 197 26.64 17.58 11.69
N GLU A 198 26.76 16.50 12.48
CA GLU A 198 27.21 16.52 13.88
C GLU A 198 26.30 17.38 14.79
N GLY A 199 26.02 18.61 14.38
CA GLY A 199 25.11 19.46 15.12
C GLY A 199 23.70 19.41 14.57
N GLU A 200 22.78 18.78 15.31
CA GLU A 200 21.44 18.57 14.82
C GLU A 200 20.42 19.11 15.80
N SER A 201 19.18 19.21 15.32
CA SER A 201 17.99 19.48 16.10
C SER A 201 17.13 18.22 16.15
N LEU A 202 16.19 18.20 17.09
CA LEU A 202 15.42 16.97 17.32
C LEU A 202 14.35 16.79 16.25
N PRO A 203 13.88 15.56 16.05
CA PRO A 203 13.07 15.25 14.84
C PRO A 203 11.84 16.14 14.68
N GLN A 204 11.64 16.63 13.47
CA GLN A 204 10.56 17.49 13.04
C GLN A 204 9.78 16.82 11.92
N PRO A 205 8.48 17.09 11.75
CA PRO A 205 7.75 16.52 10.62
C PRO A 205 8.32 16.97 9.27
N PHE A 206 7.86 16.30 8.20
CA PHE A 206 8.41 16.52 6.87
C PHE A 206 7.47 15.92 5.81
N ASP A 207 6.74 16.78 5.11
CA ASP A 207 5.89 16.39 3.98
C ASP A 207 6.74 16.38 2.72
N VAL A 208 7.16 15.20 2.28
CA VAL A 208 8.03 15.13 1.11
C VAL A 208 7.50 14.09 0.15
N ALA A 209 7.54 14.42 -1.14
CA ALA A 209 7.41 13.43 -2.18
C ALA A 209 8.65 12.55 -2.19
N TRP A 210 8.48 11.32 -2.63
CA TRP A 210 9.58 10.37 -2.54
C TRP A 210 9.27 9.22 -3.46
N MET A 211 10.29 8.38 -3.69
CA MET A 211 10.09 7.13 -4.40
C MET A 211 10.98 6.06 -3.80
N ASP A 212 10.47 4.85 -3.81
CA ASP A 212 11.22 3.65 -3.45
C ASP A 212 11.73 3.01 -4.74
N VAL A 213 13.05 2.91 -4.88
CA VAL A 213 13.66 2.37 -6.09
C VAL A 213 14.22 0.99 -5.85
N GLY A 214 13.74 0.30 -4.81
CA GLY A 214 14.24 -1.01 -4.47
C GLY A 214 15.57 -1.02 -3.76
N HIS A 215 16.04 0.12 -3.30
CA HIS A 215 17.32 0.15 -2.65
C HIS A 215 17.15 0.44 -1.17
N SER A 216 18.28 0.46 -0.47
CA SER A 216 18.25 0.39 0.99
C SER A 216 17.48 1.54 1.61
N HIS A 217 17.18 2.58 0.84
CA HIS A 217 16.27 3.61 1.29
C HIS A 217 15.59 4.24 0.07
N LYS A 218 14.67 5.15 0.36
CA LYS A 218 13.93 5.92 -0.62
C LYS A 218 14.77 7.10 -1.06
N ILE A 219 14.37 7.72 -2.16
CA ILE A 219 14.98 8.98 -2.57
C ILE A 219 13.89 10.04 -2.52
N ILE A 220 14.14 11.08 -1.75
CA ILE A 220 13.16 12.15 -1.58
C ILE A 220 13.41 13.18 -2.67
N MET A 221 12.32 13.74 -3.21
CA MET A 221 12.38 14.63 -4.35
C MET A 221 11.62 15.91 -4.07
N ARG A 222 12.30 17.05 -4.27
CA ARG A 222 11.63 18.33 -4.34
C ARG A 222 11.08 18.46 -5.76
N GLU A 223 11.90 18.96 -6.69
CA GLU A 223 11.50 19.02 -8.10
C GLU A 223 11.53 17.63 -8.70
N HIS A 224 10.46 17.27 -9.41
CA HIS A 224 10.38 15.97 -10.05
C HIS A 224 9.15 15.93 -10.94
N LYS A 225 9.28 15.25 -12.05
CA LYS A 225 8.21 15.04 -13.01
C LYS A 225 7.76 13.59 -12.91
N THR A 226 6.47 13.37 -13.12
CA THR A 226 5.95 12.02 -13.21
C THR A 226 5.13 11.89 -14.48
N LYS A 227 4.98 10.65 -14.94
CA LYS A 227 4.27 10.36 -16.17
C LYS A 227 3.65 8.97 -15.99
N TRP A 228 2.37 8.94 -15.64
CA TRP A 228 1.65 7.67 -15.60
C TRP A 228 1.53 7.12 -17.01
N VAL A 229 2.01 5.90 -17.22
CA VAL A 229 1.92 5.25 -18.51
C VAL A 229 1.18 3.94 -18.34
N GLN A 230 0.26 3.65 -19.26
CA GLN A 230 -0.48 2.39 -19.27
C GLN A 230 0.37 1.28 -19.88
N GLU A 231 0.38 0.11 -19.22
CA GLU A 231 1.16 -1.04 -19.69
C GLU A 231 0.33 -2.24 -20.11
N SER A 232 -0.91 -2.37 -19.61
CA SER A 232 -1.77 -3.53 -19.92
C SER A 232 -1.04 -4.84 -19.69
N SER A 233 -0.17 -4.87 -18.68
CA SER A 233 0.42 -6.11 -18.18
C SER A 233 -0.61 -6.87 -17.36
N SER A 234 -0.35 -8.17 -17.13
CA SER A 234 -1.36 -9.01 -16.49
C SER A 234 -1.73 -8.49 -15.10
N LYS A 235 -0.75 -7.94 -14.38
CA LYS A 235 -1.10 -7.30 -13.12
C LYS A 235 -2.03 -6.11 -13.31
N ASP A 236 -2.21 -5.65 -14.55
CA ASP A 236 -3.19 -4.59 -14.75
C ASP A 236 -4.60 -5.13 -14.85
N PHE A 237 -4.78 -6.43 -14.68
CA PHE A 237 -6.11 -7.00 -14.68
C PHE A 237 -6.26 -7.88 -13.46
N VAL A 238 -7.47 -7.83 -12.87
CA VAL A 238 -7.95 -8.79 -11.90
C VAL A 238 -8.97 -9.68 -12.59
N CYS A 239 -9.15 -10.89 -12.06
CA CYS A 239 -10.05 -11.89 -12.63
C CYS A 239 -10.99 -12.41 -11.55
N TYR A 240 -12.27 -12.09 -11.70
CA TYR A 240 -13.33 -12.45 -10.77
C TYR A 240 -14.31 -13.37 -11.47
N LYS A 241 -15.07 -14.11 -10.65
CA LYS A 241 -16.20 -14.89 -11.11
C LYS A 241 -17.46 -14.13 -10.71
N GLU A 242 -18.32 -13.86 -11.68
CA GLU A 242 -19.50 -13.03 -11.47
C GLU A 242 -20.39 -13.61 -10.37
N GLY A 243 -20.61 -12.82 -9.32
CA GLY A 243 -21.40 -13.25 -8.19
C GLY A 243 -20.59 -13.98 -7.14
N THR A 244 -19.51 -14.65 -7.54
CA THR A 244 -18.72 -15.51 -6.67
C THR A 244 -17.61 -14.78 -5.94
N GLY A 245 -16.86 -13.93 -6.63
CA GLY A 245 -15.59 -13.50 -6.11
C GLY A 245 -14.46 -13.80 -7.09
N PRO A 246 -13.23 -13.71 -6.60
CA PRO A 246 -12.06 -13.83 -7.48
C PRO A 246 -11.87 -15.24 -8.02
N CYS A 247 -11.37 -15.31 -9.26
CA CYS A 247 -10.98 -16.62 -9.78
C CYS A 247 -9.79 -17.16 -8.99
N SER A 248 -9.61 -18.48 -9.04
CA SER A 248 -8.53 -19.14 -8.30
C SER A 248 -7.20 -18.85 -8.97
N GLU A 249 -6.11 -19.39 -8.39
CA GLU A 249 -4.81 -19.16 -9.00
C GLU A 249 -4.73 -19.73 -10.40
N SER A 250 -5.21 -20.96 -10.63
CA SER A 250 -5.09 -21.50 -11.98
C SER A 250 -6.07 -20.86 -12.96
N GLU A 251 -7.31 -20.61 -12.53
CA GLU A 251 -8.28 -20.01 -13.43
C GLU A 251 -7.79 -18.66 -13.94
N GLU A 252 -7.24 -17.84 -13.05
CA GLU A 252 -6.74 -16.53 -13.44
C GLU A 252 -5.53 -16.67 -14.37
N LYS A 253 -4.61 -17.57 -14.04
CA LYS A 253 -3.48 -17.79 -14.94
C LYS A 253 -3.96 -18.27 -16.29
N THR A 254 -4.95 -19.14 -16.33
CA THR A 254 -5.49 -19.58 -17.61
C THR A 254 -6.01 -18.39 -18.41
N CYS A 255 -6.78 -17.51 -17.78
CA CYS A 255 -7.34 -16.36 -18.52
C CYS A 255 -6.23 -15.49 -19.08
N LYS A 256 -5.14 -15.34 -18.35
CA LYS A 256 -4.06 -14.43 -18.70
C LYS A 256 -3.04 -15.05 -19.66
N THR A 257 -3.02 -16.37 -19.78
CA THR A 257 -2.12 -17.05 -20.73
C THR A 257 -2.84 -17.52 -21.98
N SER A 258 -3.90 -18.32 -21.81
CA SER A 258 -4.56 -18.95 -22.95
C SER A 258 -5.37 -17.94 -23.75
N GLY A 259 -6.25 -17.22 -23.09
CA GLY A 259 -7.12 -16.33 -23.83
C GLY A 259 -8.49 -16.93 -24.08
N SER A 260 -9.01 -17.68 -23.11
CA SER A 260 -10.29 -18.33 -23.25
C SER A 260 -11.38 -17.74 -22.35
N CYS A 261 -11.00 -17.09 -21.25
CA CYS A 261 -12.01 -16.47 -20.41
C CYS A 261 -12.50 -15.16 -21.00
N ARG A 262 -13.63 -14.69 -20.49
CA ARG A 262 -14.21 -13.43 -20.90
C ARG A 262 -13.44 -12.26 -20.29
N GLY A 263 -13.73 -11.07 -20.77
CA GLY A 263 -13.15 -9.88 -20.21
C GLY A 263 -13.78 -8.63 -20.76
N ASP A 264 -13.09 -7.52 -20.52
CA ASP A 264 -13.58 -6.23 -21.01
C ASP A 264 -12.80 -5.81 -22.26
N MET A 265 -13.01 -4.56 -22.68
CA MET A 265 -12.38 -4.05 -23.91
C MET A 265 -10.88 -4.31 -23.92
N GLN A 266 -10.16 -3.88 -22.89
CA GLN A 266 -8.70 -3.94 -23.01
C GLN A 266 -8.16 -5.33 -22.72
N PHE A 267 -8.79 -6.08 -21.83
CA PHE A 267 -8.26 -7.39 -21.46
C PHE A 267 -8.28 -8.34 -22.65
N CYS A 268 -9.34 -8.28 -23.47
CA CYS A 268 -9.44 -9.15 -24.63
C CYS A 268 -8.44 -8.74 -25.71
N LYS A 269 -8.26 -7.44 -25.92
CA LYS A 269 -7.27 -6.95 -26.88
C LYS A 269 -5.89 -7.55 -26.59
N VAL A 270 -5.57 -7.72 -25.31
CA VAL A 270 -4.22 -8.01 -24.85
C VAL A 270 -3.97 -9.50 -24.67
N ALA A 271 -4.86 -10.20 -23.94
CA ALA A 271 -4.62 -11.59 -23.58
C ALA A 271 -5.42 -12.59 -24.41
N GLY A 272 -6.43 -12.13 -25.15
CA GLY A 272 -7.32 -13.01 -25.87
C GLY A 272 -8.54 -13.39 -25.05
N CYS A 273 -9.72 -13.40 -25.66
CA CYS A 273 -10.95 -13.94 -25.07
C CYS A 273 -11.84 -14.46 -26.18
N GLU A 274 -12.90 -15.14 -25.77
CA GLU A 274 -13.87 -15.67 -26.72
C GLU A 274 -15.27 -15.31 -26.25
N HIS A 275 -16.12 -14.92 -27.21
CA HIS A 275 -17.49 -14.54 -26.93
C HIS A 275 -18.44 -15.28 -27.85
N GLY A 276 -19.59 -15.66 -27.32
CA GLY A 276 -20.60 -16.37 -28.05
C GLY A 276 -20.68 -17.85 -27.74
N GLU A 277 -19.89 -18.36 -26.79
CA GLU A 277 -19.86 -19.78 -26.47
C GLU A 277 -20.99 -20.18 -25.53
N GLU A 278 -20.71 -20.24 -24.23
CA GLU A 278 -21.65 -20.56 -23.16
C GLU A 278 -22.45 -21.85 -23.40
N ALA A 279 -23.36 -22.17 -22.47
CA ALA A 279 -24.32 -23.25 -22.56
C ALA A 279 -25.18 -23.21 -21.29
N SER A 280 -24.53 -22.84 -20.20
CA SER A 280 -25.12 -22.61 -18.88
C SER A 280 -23.97 -22.06 -18.05
N GLU A 281 -24.23 -21.83 -16.76
CA GLU A 281 -23.23 -21.48 -15.73
C GLU A 281 -22.09 -20.57 -16.17
N ALA A 282 -22.13 -19.32 -15.73
CA ALA A 282 -21.21 -18.29 -16.21
C ALA A 282 -19.77 -18.61 -15.82
N LYS A 283 -18.86 -17.92 -16.49
CA LYS A 283 -17.44 -18.22 -16.57
C LYS A 283 -16.61 -17.32 -15.66
N CYS A 284 -15.29 -17.51 -15.71
CA CYS A 284 -14.38 -16.44 -15.27
C CYS A 284 -14.45 -15.24 -16.20
N ARG A 285 -14.09 -14.10 -15.64
CA ARG A 285 -14.00 -12.84 -16.35
C ARG A 285 -12.83 -12.05 -15.76
N CYS A 286 -12.17 -11.25 -16.59
CA CYS A 286 -11.11 -10.36 -16.15
C CYS A 286 -11.39 -8.94 -16.63
N SER A 287 -10.97 -7.96 -15.84
CA SER A 287 -11.26 -6.57 -16.11
C SER A 287 -10.04 -5.73 -15.74
N LEU A 288 -9.88 -4.62 -16.47
CA LEU A 288 -8.73 -3.75 -16.27
C LEU A 288 -8.84 -3.10 -14.90
N VAL A 289 -7.82 -3.30 -14.07
CA VAL A 289 -7.76 -2.58 -12.81
C VAL A 289 -7.75 -1.09 -13.11
N HIS A 290 -8.44 -0.32 -12.28
CA HIS A 290 -8.58 1.10 -12.49
C HIS A 290 -7.41 1.80 -11.79
N LYS A 291 -6.56 2.44 -12.58
CA LYS A 291 -5.43 3.23 -12.12
C LYS A 291 -4.93 4.07 -13.28
N PRO A 292 -4.25 5.20 -13.03
CA PRO A 292 -3.67 5.97 -14.14
C PRO A 292 -2.53 5.24 -14.85
N GLY A 293 -2.12 4.08 -14.35
CA GLY A 293 -1.01 3.36 -14.95
C GLY A 293 0.13 3.14 -13.98
N GLU A 294 1.32 2.93 -14.54
CA GLU A 294 2.56 2.80 -13.80
C GLU A 294 3.25 4.16 -13.80
N VAL A 295 3.58 4.65 -12.62
CA VAL A 295 4.20 5.96 -12.53
C VAL A 295 5.66 5.81 -12.95
N VAL A 296 6.11 6.74 -13.77
CA VAL A 296 7.51 6.86 -14.13
C VAL A 296 7.94 8.26 -13.74
N VAL A 297 9.06 8.37 -13.06
CA VAL A 297 9.43 9.61 -12.39
C VAL A 297 10.73 10.13 -12.98
N SER A 298 10.69 11.37 -13.43
CA SER A 298 11.86 12.07 -13.95
C SER A 298 12.48 12.82 -12.78
N TYR A 299 13.74 12.50 -12.47
CA TYR A 299 14.40 13.13 -11.35
C TYR A 299 15.89 13.03 -11.56
N GLY A 300 16.61 14.13 -11.34
CA GLY A 300 18.05 14.13 -11.57
C GLY A 300 18.43 13.60 -12.93
N GLY A 301 17.62 13.91 -13.95
CA GLY A 301 17.90 13.50 -15.31
C GLY A 301 17.69 12.03 -15.58
N MET A 302 17.16 11.27 -14.62
CA MET A 302 16.93 9.85 -14.79
C MET A 302 15.44 9.55 -14.78
N ARG A 303 14.99 8.83 -15.80
CA ARG A 303 13.64 8.32 -15.84
C ARG A 303 13.62 7.02 -15.05
N VAL A 304 12.97 7.02 -13.89
CA VAL A 304 12.93 5.87 -13.00
C VAL A 304 11.51 5.36 -12.90
N ARG A 305 11.34 4.02 -12.93
CA ARG A 305 10.04 3.42 -12.66
C ARG A 305 10.08 2.79 -11.27
N PRO A 306 9.60 3.45 -10.23
CA PRO A 306 9.89 3.01 -8.86
C PRO A 306 8.87 2.02 -8.31
N LYS A 307 9.32 1.30 -7.29
CA LYS A 307 8.48 0.40 -6.50
C LYS A 307 7.29 1.13 -5.88
N CYS A 308 7.54 2.24 -5.21
CA CYS A 308 6.49 3.03 -4.59
C CYS A 308 6.77 4.50 -4.83
N TYR A 309 5.73 5.26 -5.16
CA TYR A 309 5.85 6.69 -5.27
C TYR A 309 4.79 7.30 -4.37
N GLY A 310 5.17 8.29 -3.58
CA GLY A 310 4.22 8.86 -2.65
C GLY A 310 4.67 10.20 -2.13
N PHE A 311 3.73 10.88 -1.49
CA PHE A 311 3.98 12.12 -0.75
C PHE A 311 3.49 11.84 0.66
N SER A 312 4.39 11.48 1.54
CA SER A 312 3.98 11.18 2.91
C SER A 312 4.72 12.09 3.86
N ARG A 313 4.36 12.00 5.13
CA ARG A 313 5.02 12.71 6.21
C ARG A 313 5.94 11.75 6.96
N MET A 314 7.23 12.04 6.92
CA MET A 314 8.28 11.41 7.72
C MET A 314 8.81 12.42 8.72
N MET A 315 9.58 11.92 9.69
CA MET A 315 10.25 12.80 10.65
C MET A 315 11.69 12.99 10.23
N ALA A 316 12.13 14.25 10.17
CA ALA A 316 13.44 14.61 9.66
C ALA A 316 14.11 15.53 10.66
N THR A 317 15.28 15.14 11.13
CA THR A 317 16.09 16.04 11.94
C THR A 317 16.74 17.07 11.04
N LEU A 318 17.01 18.23 11.60
CA LEU A 318 17.62 19.33 10.86
C LEU A 318 18.94 19.70 11.50
N GLU A 319 19.73 20.47 10.77
CA GLU A 319 21.05 20.83 11.26
C GLU A 319 20.97 22.05 12.17
N VAL A 320 22.12 22.42 12.72
CA VAL A 320 22.27 23.58 13.56
C VAL A 320 23.43 24.39 13.01
N ASN A 321 23.18 25.64 12.63
CA ASN A 321 24.25 26.58 12.31
C ASN A 321 24.26 27.72 13.32
C1 NAG B . 0.90 -13.35 9.41
C2 NAG B . 1.57 -12.73 8.20
C3 NAG B . 1.34 -13.57 6.97
C4 NAG B . 1.81 -15.01 7.15
C5 NAG B . 1.19 -15.59 8.41
C6 NAG B . 1.89 -16.85 8.85
C7 NAG B . 1.60 -10.48 7.27
C8 NAG B . 0.82 -9.18 7.14
N2 NAG B . 1.03 -11.42 8.00
O3 NAG B . 2.00 -12.85 5.95
O4 NAG B . 1.24 -15.78 6.10
O5 NAG B . 1.30 -14.70 9.54
O6 NAG B . 3.29 -16.66 8.90
O7 NAG B . 2.70 -10.61 6.78
C1 NAG B . 2.29 -16.52 5.51
C2 NAG B . 1.77 -17.79 4.87
C3 NAG B . 2.91 -18.47 4.10
C4 NAG B . 3.67 -17.49 3.21
C5 NAG B . 3.99 -16.19 3.94
C6 NAG B . 4.51 -15.11 3.03
C7 NAG B . -0.09 -18.73 6.18
C8 NAG B . -0.50 -19.78 7.17
N2 NAG B . 1.20 -18.71 5.84
O3 NAG B . 2.41 -19.55 3.32
O4 NAG B . 4.94 -18.06 2.88
O5 NAG B . 2.80 -15.66 4.55
O6 NAG B . 3.55 -14.86 2.01
O7 NAG B . -0.91 -17.94 5.72
C1 MAN B . 5.11 -19.08 1.86
C2 MAN B . 6.05 -18.39 0.80
C3 MAN B . 5.71 -18.76 -0.62
C4 MAN B . 5.24 -20.22 -0.73
C5 MAN B . 3.95 -20.48 0.10
C6 MAN B . 3.79 -21.96 0.46
O2 MAN B . 7.44 -18.78 0.98
O3 MAN B . 6.84 -18.53 -1.48
O4 MAN B . 4.95 -20.52 -2.07
O5 MAN B . 3.87 -19.61 1.31
O6 MAN B . 2.63 -22.12 1.27
#